data_4N74
#
_entry.id   4N74
#
_cell.length_a   71.071
_cell.length_b   71.071
_cell.length_c   143.341
_cell.angle_alpha   90.00
_cell.angle_beta   90.00
_cell.angle_gamma   120.00
#
_symmetry.space_group_name_H-M   'P 32 2 1'
#
_entity_poly.entity_id   1
_entity_poly.type   'polypeptide(L)'
_entity_poly.pdbx_seq_one_letter_code
;TQNTIETGVGYSTDVGPRVKATWKKPWVNSYGHSLTTSTSISAPEQTLDFSYKMPLLKNPLEQYYLVQGGFKRTDLNDTE
SDSTTLVASRYWDLSSGWQRAINLRWSVDHFTQGEITNTTMLFYPGVVISRTRSRGGLMPTWGDSQRYSIDYSNTAWGSD
VDFSVFQAQNVWIRTLYDRHRFVTRGTLGWIETGDFDKVPPDLRFFAGGDRSIRGYKYKSIAPKYANGDLKGASKLITGS
LEYQYNVTGKWWGAVFVDSGEAVSDIRRSDFKTGTGVGVRWESPVGPIKLDFAVPVADKDEHGLQFYIGLGPEL
;
_entity_poly.pdbx_strand_id   A
#
# COMPACT_ATOMS: atom_id res chain seq x y z
N THR A 1 13.55 2.97 -26.46
CA THR A 1 14.25 1.70 -26.34
C THR A 1 13.26 0.59 -25.98
N GLN A 2 13.76 -0.63 -25.78
CA GLN A 2 12.86 -1.78 -25.68
C GLN A 2 12.67 -2.40 -24.27
N ASN A 3 13.72 -2.40 -23.45
CA ASN A 3 13.61 -2.83 -22.06
C ASN A 3 14.10 -1.73 -21.12
N THR A 4 13.47 -1.61 -19.96
CA THR A 4 13.86 -0.62 -18.95
C THR A 4 13.92 -1.23 -17.55
N ILE A 5 15.01 -0.95 -16.82
CA ILE A 5 15.15 -1.43 -15.45
C ILE A 5 15.09 -0.28 -14.45
N GLU A 6 13.99 -0.21 -13.72
CA GLU A 6 13.90 0.67 -12.57
C GLU A 6 14.29 -0.12 -11.33
N THR A 7 14.70 0.56 -10.27
CA THR A 7 15.29 -0.09 -9.10
C THR A 7 15.37 0.82 -7.88
N GLY A 8 14.54 0.55 -6.89
CA GLY A 8 14.57 1.29 -5.63
C GLY A 8 15.26 0.50 -4.53
N VAL A 9 15.64 1.19 -3.47
CA VAL A 9 16.21 0.53 -2.29
C VAL A 9 15.71 1.23 -1.02
N GLY A 10 15.61 0.48 0.07
CA GLY A 10 15.15 1.05 1.33
C GLY A 10 15.76 0.42 2.57
N TYR A 11 15.59 1.09 3.70
CA TYR A 11 15.95 0.51 4.97
C TYR A 11 15.04 1.12 6.02
N SER A 12 14.62 0.31 6.98
CA SER A 12 13.95 0.80 8.17
C SER A 12 14.29 -0.15 9.32
N THR A 13 14.26 0.36 10.54
CA THR A 13 14.65 -0.42 11.70
C THR A 13 13.73 -1.61 11.95
N ASP A 14 12.45 -1.46 11.67
CA ASP A 14 11.55 -2.60 11.84
C ASP A 14 11.71 -3.69 10.76
N VAL A 15 11.69 -3.29 9.49
CA VAL A 15 11.72 -4.23 8.36
C VAL A 15 13.13 -4.66 7.87
N GLY A 16 14.12 -3.81 8.07
CA GLY A 16 15.45 -4.09 7.55
C GLY A 16 15.59 -3.51 6.15
N PRO A 17 16.66 -3.92 5.43
CA PRO A 17 16.86 -3.52 4.03
C PRO A 17 15.67 -3.95 3.15
N ARG A 18 15.48 -3.28 2.03
CA ARG A 18 14.34 -3.53 1.17
C ARG A 18 14.70 -3.10 -0.25
N VAL A 19 14.60 -4.02 -1.21
CA VAL A 19 14.99 -3.73 -2.58
C VAL A 19 13.81 -4.02 -3.49
N LYS A 20 13.45 -3.07 -4.35
CA LYS A 20 12.54 -3.40 -5.45
C LYS A 20 13.24 -3.26 -6.80
N ALA A 21 12.67 -3.90 -7.82
CA ALA A 21 13.24 -3.91 -9.15
C ALA A 21 12.13 -4.21 -10.14
N THR A 22 11.96 -3.36 -11.15
CA THR A 22 10.99 -3.67 -12.18
C THR A 22 11.61 -3.67 -13.58
N TRP A 23 11.11 -4.56 -14.43
CA TRP A 23 11.61 -4.76 -15.77
C TRP A 23 10.48 -4.56 -16.76
N LYS A 24 10.42 -3.36 -17.32
CA LYS A 24 9.35 -2.99 -18.24
C LYS A 24 9.74 -3.29 -19.69
N LYS A 25 8.80 -3.87 -20.44
CA LYS A 25 8.99 -4.10 -21.87
C LYS A 25 7.86 -3.44 -22.67
N PRO A 26 7.92 -2.10 -22.86
CA PRO A 26 6.89 -1.20 -23.43
C PRO A 26 6.19 -1.62 -24.73
N TRP A 27 6.85 -2.33 -25.63
CA TRP A 27 6.13 -2.96 -26.74
C TRP A 27 6.63 -4.39 -26.93
N VAL A 28 5.72 -5.29 -27.30
CA VAL A 28 6.08 -6.68 -27.52
C VAL A 28 5.57 -7.11 -28.88
N ASN A 29 4.56 -6.39 -29.37
CA ASN A 29 4.10 -6.57 -30.75
C ASN A 29 3.55 -5.26 -31.31
N SER A 30 3.21 -5.27 -32.59
CA SER A 30 2.58 -4.11 -33.21
C SER A 30 1.10 -4.04 -32.87
N TYR A 31 0.67 -4.84 -31.90
CA TYR A 31 -0.70 -4.81 -31.40
C TYR A 31 -0.75 -3.99 -30.11
N GLY A 32 0.35 -3.29 -29.84
CA GLY A 32 0.40 -2.32 -28.77
C GLY A 32 0.83 -2.86 -27.42
N HIS A 33 0.51 -4.14 -27.16
CA HIS A 33 0.72 -4.84 -25.88
C HIS A 33 2.05 -4.54 -25.18
N SER A 34 2.04 -4.48 -23.84
CA SER A 34 3.26 -4.27 -23.07
C SER A 34 3.36 -5.15 -21.82
N LEU A 35 4.57 -5.38 -21.33
CA LEU A 35 4.80 -6.25 -20.17
C LEU A 35 5.70 -5.67 -19.08
N THR A 36 5.22 -5.73 -17.85
CA THR A 36 6.02 -5.36 -16.70
C THR A 36 6.22 -6.55 -15.77
N THR A 37 7.47 -6.84 -15.47
CA THR A 37 7.81 -7.79 -14.40
C THR A 37 8.35 -7.01 -13.21
N SER A 38 7.87 -7.32 -12.01
CA SER A 38 8.28 -6.62 -10.79
C SER A 38 8.70 -7.63 -9.74
N THR A 39 9.61 -7.23 -8.85
CA THR A 39 9.95 -8.03 -7.69
C THR A 39 10.41 -7.19 -6.50
N SER A 40 9.87 -7.50 -5.33
CA SER A 40 10.29 -6.83 -4.10
C SER A 40 10.85 -7.83 -3.09
N ILE A 41 11.85 -7.41 -2.34
CA ILE A 41 12.52 -8.29 -1.39
C ILE A 41 12.84 -7.60 -0.07
N SER A 42 12.25 -8.13 1.00
CA SER A 42 12.68 -7.78 2.35
C SER A 42 12.68 -9.05 3.15
N ALA A 43 13.21 -9.00 4.36
CA ALA A 43 13.13 -10.15 5.28
C ALA A 43 11.68 -10.65 5.49
N PRO A 44 10.71 -9.74 5.72
CA PRO A 44 9.39 -10.29 5.96
C PRO A 44 8.53 -10.60 4.74
N GLU A 45 8.63 -9.84 3.66
CA GLU A 45 7.77 -10.09 2.50
C GLU A 45 8.63 -10.24 1.27
N GLN A 46 8.25 -11.16 0.38
CA GLN A 46 8.89 -11.25 -0.93
C GLN A 46 7.81 -11.41 -1.99
N THR A 47 7.94 -10.65 -3.07
CA THR A 47 6.93 -10.61 -4.13
C THR A 47 7.55 -10.79 -5.51
N LEU A 48 6.78 -11.38 -6.43
CA LEU A 48 7.18 -11.46 -7.83
C LEU A 48 5.92 -11.39 -8.69
N ASP A 49 5.69 -10.25 -9.35
CA ASP A 49 4.52 -10.09 -10.20
C ASP A 49 4.86 -9.93 -11.67
N PHE A 50 3.85 -10.21 -12.50
CA PHE A 50 3.89 -9.85 -13.89
C PHE A 50 2.61 -9.07 -14.22
N SER A 51 2.69 -8.20 -15.21
CA SER A 51 1.58 -7.32 -15.57
C SER A 51 1.52 -7.16 -17.07
N TYR A 52 0.47 -7.68 -17.70
CA TYR A 52 0.40 -7.65 -19.18
C TYR A 52 -0.71 -6.71 -19.68
N LYS A 53 -0.32 -5.64 -20.36
CA LYS A 53 -1.25 -4.63 -20.85
C LYS A 53 -1.59 -4.78 -22.36
N MET A 54 -2.88 -4.72 -22.67
CA MET A 54 -3.41 -4.90 -24.01
C MET A 54 -4.39 -3.78 -24.36
N PRO A 55 -3.91 -2.72 -25.03
CA PRO A 55 -4.78 -1.63 -25.48
C PRO A 55 -5.87 -2.07 -26.45
N LEU A 56 -7.01 -1.38 -26.40
CA LEU A 56 -8.16 -1.68 -27.25
C LEU A 56 -8.16 -0.75 -28.46
N LEU A 57 -8.44 -1.27 -29.65
CA LEU A 57 -8.30 -0.47 -30.86
C LEU A 57 -9.11 0.84 -30.84
N LYS A 58 -10.34 0.76 -30.34
CA LYS A 58 -11.17 1.96 -30.20
C LYS A 58 -10.75 2.73 -28.96
N ASN A 59 -10.12 3.89 -29.17
CA ASN A 59 -9.51 4.67 -28.09
C ASN A 59 -8.44 3.92 -27.30
N PRO A 60 -7.25 3.74 -27.92
CA PRO A 60 -6.13 2.96 -27.37
C PRO A 60 -5.36 3.59 -26.21
N LEU A 61 -5.39 4.91 -26.03
CA LEU A 61 -4.73 5.48 -24.84
C LEU A 61 -5.71 5.53 -23.68
N GLU A 62 -6.99 5.61 -24.00
CA GLU A 62 -8.01 5.67 -22.95
C GLU A 62 -8.41 4.33 -22.33
N GLN A 63 -8.49 3.27 -23.15
CA GLN A 63 -9.01 1.97 -22.69
C GLN A 63 -8.06 0.80 -22.94
N TYR A 64 -7.98 -0.10 -21.95
CA TYR A 64 -7.11 -1.27 -22.04
C TYR A 64 -7.44 -2.39 -21.07
N TYR A 65 -7.12 -3.63 -21.46
CA TYR A 65 -7.20 -4.78 -20.58
C TYR A 65 -5.87 -4.96 -19.87
N LEU A 66 -5.92 -5.44 -18.64
CA LEU A 66 -4.72 -5.79 -17.89
C LEU A 66 -4.81 -7.23 -17.46
N VAL A 67 -3.67 -7.91 -17.48
CA VAL A 67 -3.59 -9.25 -16.90
C VAL A 67 -2.37 -9.31 -15.98
N GLN A 68 -2.62 -9.26 -14.67
CA GLN A 68 -1.56 -9.30 -13.66
C GLN A 68 -1.58 -10.61 -12.91
N GLY A 69 -0.40 -11.16 -12.64
CA GLY A 69 -0.30 -12.35 -11.80
C GLY A 69 0.89 -12.25 -10.86
N GLY A 70 0.77 -12.84 -9.68
CA GLY A 70 1.84 -12.73 -8.71
C GLY A 70 1.96 -13.85 -7.69
N PHE A 71 3.16 -14.02 -7.16
CA PHE A 71 3.44 -14.86 -6.01
C PHE A 71 3.91 -13.96 -4.87
N LYS A 72 3.62 -14.37 -3.65
CA LYS A 72 4.02 -13.61 -2.48
C LYS A 72 4.27 -14.55 -1.31
N ARG A 73 5.33 -14.29 -0.57
CA ARG A 73 5.64 -15.05 0.62
C ARG A 73 5.76 -14.07 1.76
N THR A 74 5.10 -14.34 2.88
CA THR A 74 5.15 -13.46 4.04
C THR A 74 5.60 -14.18 5.31
N ASP A 75 6.56 -13.58 6.01
CA ASP A 75 6.97 -14.00 7.34
C ASP A 75 7.08 -12.76 8.22
N LEU A 76 5.96 -12.40 8.82
CA LEU A 76 5.85 -11.17 9.60
C LEU A 76 4.97 -11.36 10.83
N ASN A 77 5.46 -10.87 11.97
CA ASN A 77 4.79 -10.97 13.27
C ASN A 77 4.25 -12.36 13.50
N ASP A 78 2.93 -12.50 13.50
CA ASP A 78 2.35 -13.82 13.70
C ASP A 78 1.73 -14.33 12.42
N THR A 79 2.22 -13.84 11.29
CA THR A 79 1.72 -14.24 9.98
C THR A 79 2.75 -15.01 9.15
N GLU A 80 2.26 -16.00 8.42
CA GLU A 80 3.11 -16.84 7.59
C GLU A 80 2.25 -17.19 6.41
N SER A 81 2.66 -16.82 5.21
CA SER A 81 1.75 -17.00 4.09
C SER A 81 2.42 -17.34 2.76
N ASP A 82 1.76 -18.23 2.01
CA ASP A 82 2.10 -18.47 0.61
C ASP A 82 0.93 -18.00 -0.24
N SER A 83 1.16 -17.05 -1.13
CA SER A 83 0.07 -16.50 -1.91
C SER A 83 0.32 -16.53 -3.44
N THR A 84 -0.76 -16.70 -4.20
CA THR A 84 -0.70 -16.72 -5.65
C THR A 84 -1.96 -16.09 -6.19
N THR A 85 -1.82 -14.98 -6.89
CA THR A 85 -2.97 -14.25 -7.39
C THR A 85 -2.99 -14.14 -8.93
N LEU A 86 -4.19 -14.03 -9.50
CA LEU A 86 -4.37 -13.69 -10.91
C LEU A 86 -5.50 -12.67 -11.05
N VAL A 87 -5.29 -11.64 -11.86
CA VAL A 87 -6.31 -10.59 -12.06
C VAL A 87 -6.53 -10.23 -13.54
N ALA A 88 -7.78 -10.29 -13.98
CA ALA A 88 -8.15 -9.76 -15.28
C ALA A 88 -8.86 -8.45 -15.01
N SER A 89 -8.43 -7.38 -15.66
CA SER A 89 -9.03 -6.07 -15.42
C SER A 89 -9.36 -5.34 -16.70
N ARG A 90 -10.37 -4.49 -16.59
CA ARG A 90 -10.76 -3.60 -17.67
C ARG A 90 -10.59 -2.17 -17.17
N TYR A 91 -9.69 -1.42 -17.80
CA TYR A 91 -9.39 -0.06 -17.36
C TYR A 91 -9.98 1.03 -18.26
N TRP A 92 -10.58 2.06 -17.66
CA TRP A 92 -10.98 3.25 -18.41
C TRP A 92 -10.25 4.47 -17.86
N ASP A 93 -9.21 4.93 -18.56
CA ASP A 93 -8.57 6.17 -18.18
C ASP A 93 -9.35 7.31 -18.79
N LEU A 94 -9.16 8.50 -18.23
CA LEU A 94 -9.67 9.73 -18.84
C LEU A 94 -8.53 10.74 -18.85
N SER A 95 -8.65 11.76 -19.68
CA SER A 95 -7.69 12.84 -19.64
C SER A 95 -8.04 13.65 -18.39
N SER A 96 -9.33 13.62 -18.06
CA SER A 96 -9.84 14.12 -16.77
C SER A 96 -9.18 13.53 -15.51
N GLY A 97 -8.24 12.59 -15.68
CA GLY A 97 -7.39 12.10 -14.60
C GLY A 97 -7.84 10.82 -13.89
N TRP A 98 -9.13 10.52 -13.97
CA TRP A 98 -9.69 9.39 -13.24
C TRP A 98 -9.48 8.08 -13.99
N GLN A 99 -8.89 7.12 -13.29
CA GLN A 99 -8.83 5.75 -13.77
C GLN A 99 -10.02 5.05 -13.16
N ARG A 100 -10.73 4.28 -13.98
CA ARG A 100 -11.79 3.42 -13.50
C ARG A 100 -11.56 2.02 -14.03
N ALA A 101 -11.62 1.05 -13.13
CA ALA A 101 -11.29 -0.35 -13.43
C ALA A 101 -12.31 -1.34 -12.83
N ILE A 102 -12.69 -2.34 -13.62
CA ILE A 102 -13.41 -3.49 -13.11
C ILE A 102 -12.40 -4.61 -12.96
N ASN A 103 -12.46 -5.34 -11.85
CA ASN A 103 -11.53 -6.41 -11.55
C ASN A 103 -12.19 -7.76 -11.45
N LEU A 104 -11.44 -8.79 -11.80
CA LEU A 104 -11.84 -10.18 -11.56
C LEU A 104 -10.62 -10.90 -10.97
N ARG A 105 -10.58 -11.05 -9.66
CA ARG A 105 -9.40 -11.61 -8.98
C ARG A 105 -9.58 -13.06 -8.56
N TRP A 106 -8.54 -13.87 -8.82
CA TRP A 106 -8.44 -15.25 -8.31
C TRP A 106 -7.23 -15.32 -7.39
N SER A 107 -7.34 -16.05 -6.28
CA SER A 107 -6.17 -16.27 -5.43
C SER A 107 -6.24 -17.59 -4.66
N VAL A 108 -5.10 -18.24 -4.43
CA VAL A 108 -5.00 -19.30 -3.43
C VAL A 108 -4.01 -18.84 -2.35
N ASP A 109 -4.42 -18.92 -1.09
CA ASP A 109 -3.58 -18.51 0.05
C ASP A 109 -3.38 -19.61 1.08
N HIS A 110 -2.13 -20.04 1.28
CA HIS A 110 -1.84 -20.95 2.38
C HIS A 110 -1.17 -20.17 3.47
N PHE A 111 -1.87 -20.01 4.59
CA PHE A 111 -1.41 -19.14 5.65
C PHE A 111 -1.58 -19.68 7.07
N THR A 112 -0.69 -19.26 7.97
CA THR A 112 -0.93 -19.41 9.40
C THR A 112 -1.04 -18.02 10.04
N GLN A 113 -2.20 -17.74 10.64
CA GLN A 113 -2.34 -16.53 11.44
C GLN A 113 -2.48 -16.98 12.90
N GLY A 114 -1.45 -16.73 13.69
CA GLY A 114 -1.42 -17.18 15.06
C GLY A 114 -1.48 -18.69 15.02
N GLU A 115 -2.51 -19.26 15.61
CA GLU A 115 -2.64 -20.70 15.64
C GLU A 115 -3.66 -21.24 14.63
N ILE A 116 -4.41 -20.33 14.01
CA ILE A 116 -5.32 -20.69 12.92
C ILE A 116 -4.57 -20.91 11.58
N THR A 117 -4.76 -22.08 10.97
CA THR A 117 -4.18 -22.38 9.65
C THR A 117 -5.25 -22.73 8.61
N ASN A 118 -5.12 -22.14 7.43
CA ASN A 118 -6.11 -22.33 6.39
C ASN A 118 -5.57 -22.31 4.97
N THR A 119 -6.46 -22.62 4.03
CA THR A 119 -6.14 -22.64 2.62
C THR A 119 -7.34 -22.12 1.88
N THR A 120 -7.29 -20.85 1.51
CA THR A 120 -8.44 -20.18 0.92
C THR A 120 -8.29 -19.88 -0.56
N MET A 121 -9.24 -20.38 -1.34
CA MET A 121 -9.29 -20.12 -2.77
C MET A 121 -10.38 -19.08 -2.97
N LEU A 122 -9.98 -17.89 -3.42
CA LEU A 122 -10.93 -16.80 -3.64
C LEU A 122 -11.15 -16.54 -5.13
N PHE A 123 -12.35 -16.05 -5.45
CA PHE A 123 -12.69 -15.68 -6.83
C PHE A 123 -13.74 -14.60 -6.76
N TYR A 124 -13.34 -13.35 -7.00
CA TYR A 124 -14.24 -12.22 -6.82
C TYR A 124 -14.02 -11.03 -7.76
N PRO A 125 -15.10 -10.30 -8.07
CA PRO A 125 -15.02 -9.05 -8.83
C PRO A 125 -14.86 -7.85 -7.93
N GLY A 126 -14.48 -6.72 -8.52
CA GLY A 126 -14.34 -5.50 -7.76
C GLY A 126 -14.25 -4.28 -8.67
N VAL A 127 -14.36 -3.09 -8.10
CA VAL A 127 -14.21 -1.86 -8.86
C VAL A 127 -13.19 -0.94 -8.18
N VAL A 128 -12.41 -0.21 -8.98
CA VAL A 128 -11.48 0.78 -8.46
C VAL A 128 -11.73 2.14 -9.15
N ILE A 129 -11.69 3.23 -8.37
CA ILE A 129 -11.64 4.57 -8.94
C ILE A 129 -10.44 5.30 -8.35
N SER A 130 -9.54 5.75 -9.21
CA SER A 130 -8.34 6.41 -8.72
C SER A 130 -7.91 7.59 -9.59
N ARG A 131 -7.18 8.53 -9.00
CA ARG A 131 -6.54 9.61 -9.73
C ARG A 131 -5.36 10.15 -8.97
N THR A 132 -4.19 10.18 -9.61
CA THR A 132 -3.03 10.88 -9.06
C THR A 132 -2.65 12.07 -9.96
N ARG A 133 -2.54 13.26 -9.37
CA ARG A 133 -2.13 14.47 -10.09
C ARG A 133 -0.98 15.08 -9.32
N SER A 134 0.00 15.63 -10.02
CA SER A 134 1.08 16.38 -9.38
C SER A 134 1.58 17.48 -10.31
N ARG A 135 2.12 18.55 -9.71
CA ARG A 135 2.75 19.58 -10.53
C ARG A 135 3.94 20.22 -9.80
N GLY A 136 5.07 20.27 -10.49
CA GLY A 136 6.30 20.79 -9.89
C GLY A 136 7.42 19.77 -9.80
N GLY A 137 7.19 18.57 -10.32
CA GLY A 137 8.28 17.62 -10.47
C GLY A 137 8.17 16.32 -9.69
N LEU A 138 9.31 15.79 -9.28
CA LEU A 138 9.41 14.49 -8.61
C LEU A 138 9.18 14.59 -7.11
N MET A 139 9.44 15.77 -6.56
CA MET A 139 8.99 16.16 -5.23
C MET A 139 8.00 17.31 -5.43
N PRO A 140 6.77 16.98 -5.87
CA PRO A 140 5.80 17.98 -6.31
C PRO A 140 5.58 19.06 -5.28
N THR A 141 5.36 20.27 -5.75
CA THR A 141 5.00 21.39 -4.90
C THR A 141 3.52 21.33 -4.56
N TRP A 142 2.79 20.51 -5.32
CA TRP A 142 1.33 20.46 -5.29
C TRP A 142 0.89 19.14 -5.92
N GLY A 143 -0.07 18.45 -5.30
CA GLY A 143 -0.62 17.26 -5.89
C GLY A 143 -1.50 16.54 -4.90
N ASP A 144 -2.13 15.44 -5.34
CA ASP A 144 -2.97 14.62 -4.48
C ASP A 144 -3.21 13.31 -5.21
N SER A 145 -3.44 12.24 -4.45
CA SER A 145 -3.88 10.99 -5.04
C SER A 145 -5.06 10.46 -4.24
N GLN A 146 -5.98 9.80 -4.93
CA GLN A 146 -7.12 9.21 -4.27
C GLN A 146 -7.32 7.86 -4.92
N ARG A 147 -7.50 6.84 -4.09
CA ARG A 147 -7.90 5.53 -4.55
C ARG A 147 -9.09 5.06 -3.71
N TYR A 148 -10.16 4.65 -4.37
CA TYR A 148 -11.34 4.10 -3.70
C TYR A 148 -11.64 2.77 -4.35
N SER A 149 -11.98 1.76 -3.56
CA SER A 149 -12.26 0.45 -4.12
C SER A 149 -13.35 -0.31 -3.38
N ILE A 150 -14.00 -1.23 -4.09
CA ILE A 150 -14.99 -2.14 -3.50
C ILE A 150 -14.80 -3.52 -4.09
N ASP A 151 -14.57 -4.53 -3.24
CA ASP A 151 -14.53 -5.92 -3.71
C ASP A 151 -15.63 -6.78 -3.10
N TYR A 152 -16.21 -7.68 -3.90
CA TYR A 152 -17.35 -8.50 -3.47
C TYR A 152 -17.20 -10.00 -3.78
N SER A 153 -16.82 -10.77 -2.75
CA SER A 153 -16.72 -12.23 -2.88
C SER A 153 -18.01 -12.89 -2.44
N ASN A 154 -18.50 -13.84 -3.23
CA ASN A 154 -19.69 -14.58 -2.87
C ASN A 154 -19.46 -16.05 -3.11
N THR A 155 -20.06 -16.89 -2.28
CA THR A 155 -19.84 -18.34 -2.39
C THR A 155 -20.61 -18.90 -3.58
N ALA A 156 -21.59 -18.14 -4.06
CA ALA A 156 -22.46 -18.55 -5.17
C ALA A 156 -21.70 -18.98 -6.42
N TRP A 157 -20.64 -18.26 -6.76
CA TRP A 157 -19.86 -18.60 -7.93
C TRP A 157 -18.44 -19.03 -7.61
N GLY A 158 -18.30 -19.91 -6.62
CA GLY A 158 -17.05 -20.62 -6.42
C GLY A 158 -16.12 -20.14 -5.31
N SER A 159 -16.28 -18.89 -4.85
CA SER A 159 -15.39 -18.36 -3.82
C SER A 159 -15.61 -19.06 -2.48
N ASP A 160 -14.54 -19.17 -1.68
CA ASP A 160 -14.61 -19.83 -0.37
C ASP A 160 -15.35 -19.05 0.72
N VAL A 161 -15.37 -17.72 0.63
CA VAL A 161 -15.85 -16.90 1.73
C VAL A 161 -16.69 -15.74 1.25
N ASP A 162 -17.82 -15.51 1.90
CA ASP A 162 -18.60 -14.30 1.66
C ASP A 162 -17.92 -13.13 2.37
N PHE A 163 -17.53 -12.09 1.62
CA PHE A 163 -17.07 -10.87 2.23
C PHE A 163 -17.31 -9.64 1.36
N SER A 164 -17.27 -8.47 1.99
CA SER A 164 -17.25 -7.20 1.27
C SER A 164 -16.08 -6.37 1.78
N VAL A 165 -15.23 -5.91 0.87
CA VAL A 165 -14.17 -4.99 1.26
C VAL A 165 -14.42 -3.59 0.70
N PHE A 166 -14.32 -2.57 1.53
CA PHE A 166 -14.38 -1.18 1.07
C PHE A 166 -13.08 -0.48 1.47
N GLN A 167 -12.45 0.24 0.54
CA GLN A 167 -11.21 0.95 0.83
C GLN A 167 -11.17 2.38 0.29
N ALA A 168 -10.54 3.28 1.05
CA ALA A 168 -10.35 4.65 0.63
C ALA A 168 -9.01 5.14 1.14
N GLN A 169 -8.28 5.87 0.29
CA GLN A 169 -7.11 6.63 0.75
C GLN A 169 -6.86 7.93 0.01
N ASN A 170 -6.47 8.95 0.77
CA ASN A 170 -6.11 10.25 0.24
C ASN A 170 -4.64 10.55 0.57
N VAL A 171 -3.95 11.21 -0.35
CA VAL A 171 -2.69 11.86 -0.03
C VAL A 171 -2.79 13.27 -0.60
N TRP A 172 -2.37 14.28 0.16
CA TRP A 172 -2.48 15.67 -0.28
C TRP A 172 -1.17 16.43 -0.08
N ILE A 173 -0.65 17.04 -1.15
CA ILE A 173 0.54 17.88 -1.09
C ILE A 173 0.23 19.34 -1.49
N ARG A 174 0.56 20.30 -0.62
CA ARG A 174 0.32 21.71 -0.90
C ARG A 174 1.49 22.52 -0.37
N THR A 175 1.94 23.50 -1.16
CA THR A 175 3.04 24.37 -0.78
C THR A 175 2.49 25.74 -0.48
N LEU A 176 3.12 26.44 0.46
CA LEU A 176 2.74 27.79 0.82
C LEU A 176 3.98 28.68 0.84
N TYR A 177 4.05 29.62 -0.09
CA TYR A 177 5.20 30.50 -0.26
C TYR A 177 6.48 29.75 -0.63
N ASP A 178 6.34 28.72 -1.46
CA ASP A 178 7.49 28.03 -2.04
C ASP A 178 8.44 27.40 -1.02
N ARG A 179 8.05 27.42 0.25
CA ARG A 179 8.96 27.06 1.32
C ARG A 179 8.31 26.20 2.39
N HIS A 180 6.99 26.34 2.55
CA HIS A 180 6.29 25.54 3.54
C HIS A 180 5.42 24.48 2.86
N ARG A 181 5.91 23.25 2.83
CA ARG A 181 5.24 22.14 2.13
C ARG A 181 4.50 21.23 3.12
N PHE A 182 3.24 20.92 2.83
CA PHE A 182 2.41 20.14 3.74
C PHE A 182 1.97 18.84 3.09
N VAL A 183 2.34 17.71 3.70
CA VAL A 183 1.88 16.39 3.23
C VAL A 183 0.82 15.84 4.19
N THR A 184 -0.38 15.61 3.66
CA THR A 184 -1.53 15.13 4.43
C THR A 184 -2.00 13.79 3.87
N ARG A 185 -2.26 12.84 4.75
CA ARG A 185 -2.45 11.45 4.34
C ARG A 185 -3.63 10.86 5.12
N GLY A 186 -4.49 10.11 4.42
CA GLY A 186 -5.66 9.52 5.04
C GLY A 186 -5.97 8.15 4.46
N THR A 187 -6.30 7.17 5.31
CA THR A 187 -6.58 5.80 4.85
C THR A 187 -7.75 5.12 5.60
N LEU A 188 -8.82 4.74 4.88
CA LEU A 188 -9.97 4.01 5.46
C LEU A 188 -10.07 2.59 4.94
N GLY A 189 -10.37 1.64 5.82
CA GLY A 189 -10.51 0.23 5.43
C GLY A 189 -11.61 -0.47 6.20
N TRP A 190 -12.32 -1.40 5.55
CA TRP A 190 -13.49 -2.04 6.16
C TRP A 190 -13.80 -3.36 5.46
N ILE A 191 -13.71 -4.48 6.19
CA ILE A 191 -14.15 -5.76 5.64
C ILE A 191 -15.29 -6.35 6.46
N GLU A 192 -16.41 -6.56 5.80
CA GLU A 192 -17.60 -7.15 6.43
C GLU A 192 -17.65 -8.63 6.09
N THR A 193 -17.54 -9.49 7.10
CA THR A 193 -17.53 -10.94 6.86
C THR A 193 -17.95 -11.74 8.11
N GLY A 194 -18.55 -12.91 7.88
CA GLY A 194 -18.94 -13.78 8.97
C GLY A 194 -17.95 -14.91 9.17
N ASP A 195 -16.92 -14.92 8.33
CA ASP A 195 -15.89 -15.95 8.37
C ASP A 195 -14.49 -15.34 8.28
N PHE A 196 -14.21 -14.40 9.19
CA PHE A 196 -12.94 -13.69 9.23
C PHE A 196 -11.75 -14.64 9.32
N ASP A 197 -11.93 -15.78 9.97
CA ASP A 197 -10.82 -16.70 10.16
C ASP A 197 -10.36 -17.32 8.85
N LYS A 198 -11.25 -17.37 7.86
CA LYS A 198 -10.88 -17.96 6.56
C LYS A 198 -10.22 -16.95 5.61
N VAL A 199 -10.41 -15.65 5.88
CA VAL A 199 -9.86 -14.57 5.08
C VAL A 199 -8.34 -14.48 5.18
N PRO A 200 -7.65 -14.40 4.03
CA PRO A 200 -6.17 -14.38 4.08
C PRO A 200 -5.65 -13.13 4.80
N PRO A 201 -4.52 -13.24 5.52
CA PRO A 201 -3.99 -12.06 6.24
C PRO A 201 -3.76 -10.82 5.35
N ASP A 202 -3.51 -11.02 4.05
CA ASP A 202 -3.38 -9.92 3.08
C ASP A 202 -4.65 -9.06 3.01
N LEU A 203 -5.80 -9.70 3.19
CA LEU A 203 -7.10 -9.02 3.15
C LEU A 203 -7.60 -8.60 4.54
N ARG A 204 -6.83 -8.87 5.57
CA ARG A 204 -7.19 -8.40 6.90
C ARG A 204 -6.45 -7.08 7.09
N PHE A 205 -6.88 -6.26 8.03
CA PHE A 205 -6.16 -5.02 8.26
C PHE A 205 -5.26 -5.07 9.49
N PHE A 206 -4.08 -4.48 9.35
CA PHE A 206 -3.12 -4.29 10.42
C PHE A 206 -2.63 -2.84 10.30
N ALA A 207 -2.31 -2.21 11.42
CA ALA A 207 -1.79 -0.84 11.35
C ALA A 207 -0.34 -0.71 11.84
N GLY A 208 0.24 0.45 11.56
CA GLY A 208 1.56 0.79 12.05
C GLY A 208 2.59 0.59 10.99
N GLY A 209 3.72 1.27 11.14
CA GLY A 209 4.77 1.21 10.14
C GLY A 209 4.76 2.41 9.21
N ASP A 210 5.69 2.45 8.26
CA ASP A 210 5.87 3.64 7.44
C ASP A 210 4.63 3.80 6.59
N ARG A 211 4.18 5.04 6.39
CA ARG A 211 2.96 5.32 5.62
C ARG A 211 1.74 4.64 6.23
N SER A 212 1.82 4.37 7.53
CA SER A 212 0.69 3.86 8.30
C SER A 212 0.70 4.58 9.64
N ILE A 213 1.63 4.24 10.51
CA ILE A 213 1.83 4.96 11.75
C ILE A 213 3.30 4.86 12.07
N ARG A 214 4.06 5.88 11.70
CA ARG A 214 5.48 5.89 11.97
C ARG A 214 5.73 5.79 13.48
N GLY A 215 6.78 5.08 13.89
CA GLY A 215 7.07 4.88 15.32
C GLY A 215 6.61 3.53 15.85
N TYR A 216 5.67 2.92 15.15
CA TYR A 216 5.18 1.58 15.49
C TYR A 216 5.73 0.61 14.47
N LYS A 217 5.95 -0.62 14.91
CA LYS A 217 6.46 -1.65 14.01
C LYS A 217 5.43 -1.95 12.90
N TYR A 218 5.95 -2.17 11.70
CA TYR A 218 5.18 -2.54 10.50
C TYR A 218 4.16 -3.63 10.75
N LYS A 219 2.87 -3.27 10.60
CA LYS A 219 1.74 -4.21 10.72
C LYS A 219 1.61 -4.86 12.08
N SER A 220 1.91 -4.12 13.14
CA SER A 220 1.97 -4.72 14.46
C SER A 220 0.75 -4.44 15.35
N ILE A 221 -0.14 -3.57 14.85
CA ILE A 221 -1.34 -3.11 15.54
C ILE A 221 -2.61 -3.76 14.96
N ALA A 222 -3.27 -4.60 15.76
CA ALA A 222 -4.51 -5.30 15.39
C ALA A 222 -4.95 -6.17 16.56
N PRO A 223 -6.25 -6.51 16.62
CA PRO A 223 -6.82 -7.41 17.62
C PRO A 223 -6.01 -8.70 17.77
N LYS A 224 -6.04 -9.28 18.97
CA LYS A 224 -5.26 -10.48 19.23
C LYS A 224 -6.14 -11.71 19.46
N TYR A 225 -5.53 -12.88 19.46
CA TYR A 225 -6.22 -14.11 19.81
C TYR A 225 -6.25 -14.25 21.33
N ALA A 226 -6.89 -15.27 21.86
CA ALA A 226 -6.89 -15.46 23.31
C ALA A 226 -5.47 -15.72 23.80
N ASN A 227 -4.69 -16.43 23.00
CA ASN A 227 -3.26 -16.64 23.27
C ASN A 227 -2.33 -15.42 23.10
N GLY A 228 -2.84 -14.29 22.61
CA GLY A 228 -2.03 -13.10 22.46
C GLY A 228 -1.44 -12.83 21.09
N ASP A 229 -1.52 -13.82 20.19
CA ASP A 229 -0.99 -13.67 18.84
C ASP A 229 -1.84 -12.67 18.09
N LEU A 230 -1.25 -12.04 17.07
CA LEU A 230 -1.98 -11.08 16.26
C LEU A 230 -3.00 -11.77 15.39
N LYS A 231 -4.23 -11.24 15.38
CA LYS A 231 -5.33 -11.82 14.62
C LYS A 231 -5.67 -11.05 13.33
N GLY A 232 -5.41 -9.75 13.31
CA GLY A 232 -5.83 -8.89 12.22
C GLY A 232 -7.17 -8.24 12.52
N ALA A 233 -7.43 -7.11 11.88
CA ALA A 233 -8.64 -6.35 12.14
C ALA A 233 -9.55 -6.34 10.94
N SER A 234 -10.84 -6.10 11.20
CA SER A 234 -11.80 -5.94 10.11
C SER A 234 -11.96 -4.46 9.72
N LYS A 235 -11.41 -3.56 10.53
CA LYS A 235 -11.51 -2.13 10.26
C LYS A 235 -10.15 -1.39 10.44
N LEU A 236 -9.84 -0.52 9.49
CA LEU A 236 -8.65 0.30 9.59
C LEU A 236 -8.97 1.76 9.33
N ILE A 237 -8.54 2.63 10.24
CA ILE A 237 -8.48 4.06 9.97
C ILE A 237 -7.10 4.59 10.42
N THR A 238 -6.34 5.20 9.51
CA THR A 238 -5.04 5.80 9.84
C THR A 238 -4.90 7.13 9.13
N GLY A 239 -4.07 8.02 9.69
CA GLY A 239 -3.90 9.34 9.11
C GLY A 239 -2.58 9.96 9.49
N SER A 240 -2.13 10.96 8.72
CA SER A 240 -0.88 11.66 9.01
C SER A 240 -0.92 13.15 8.66
N LEU A 241 -0.19 13.95 9.43
CA LEU A 241 0.06 15.35 9.10
C LEU A 241 1.54 15.54 9.15
N GLU A 242 2.10 16.06 8.07
CA GLU A 242 3.52 16.34 8.02
C GLU A 242 3.68 17.77 7.54
N TYR A 243 4.60 18.50 8.17
CA TYR A 243 4.96 19.85 7.72
C TYR A 243 6.43 19.81 7.34
N GLN A 244 6.76 20.43 6.21
CA GLN A 244 8.13 20.42 5.71
C GLN A 244 8.62 21.83 5.48
N TYR A 245 9.86 22.10 5.88
CA TYR A 245 10.40 23.44 5.70
C TYR A 245 11.73 23.39 4.93
N ASN A 246 11.77 24.11 3.80
CA ASN A 246 12.95 24.21 2.97
C ASN A 246 14.02 25.05 3.64
N VAL A 247 14.98 24.38 4.27
CA VAL A 247 16.04 25.01 5.04
C VAL A 247 16.97 25.76 4.11
N THR A 248 17.69 25.02 3.27
CA THR A 248 18.58 25.63 2.31
C THR A 248 18.70 24.73 1.09
N GLY A 249 18.80 25.35 -0.08
CA GLY A 249 19.03 24.62 -1.32
C GLY A 249 17.92 23.64 -1.59
N LYS A 250 18.31 22.39 -1.80
CA LYS A 250 17.36 21.31 -2.01
C LYS A 250 17.11 20.50 -0.71
N TRP A 251 17.46 21.09 0.43
CA TRP A 251 17.37 20.40 1.72
C TRP A 251 16.17 20.84 2.57
N TRP A 252 15.36 19.88 3.01
CA TRP A 252 14.18 20.18 3.80
C TRP A 252 14.25 19.52 5.17
N GLY A 253 13.65 20.16 6.16
CA GLY A 253 13.49 19.55 7.47
C GLY A 253 12.01 19.27 7.64
N ALA A 254 11.68 18.12 8.22
CA ALA A 254 10.28 17.77 8.37
C ALA A 254 9.86 17.39 9.79
N VAL A 255 8.65 17.77 10.17
CA VAL A 255 8.05 17.34 11.42
C VAL A 255 6.69 16.73 11.07
N PHE A 256 6.30 15.68 11.80
CA PHE A 256 5.11 14.92 11.43
C PHE A 256 4.41 14.20 12.60
N VAL A 257 3.12 13.93 12.44
CA VAL A 257 2.39 13.10 13.39
C VAL A 257 1.46 12.13 12.67
N ASP A 258 1.66 10.82 12.90
CA ASP A 258 0.77 9.78 12.42
C ASP A 258 -0.12 9.25 13.59
N SER A 259 -1.33 8.83 13.28
CA SER A 259 -2.24 8.27 14.29
C SER A 259 -3.28 7.40 13.63
N GLY A 260 -3.67 6.31 14.28
CA GLY A 260 -4.65 5.42 13.70
C GLY A 260 -4.94 4.18 14.53
N GLU A 261 -5.86 3.36 14.02
CA GLU A 261 -6.26 2.17 14.73
C GLU A 261 -6.58 1.02 13.77
N ALA A 262 -6.38 -0.21 14.23
CA ALA A 262 -6.92 -1.40 13.57
C ALA A 262 -7.81 -2.15 14.55
N VAL A 263 -9.12 -2.04 14.36
CA VAL A 263 -10.05 -2.69 15.27
C VAL A 263 -11.07 -3.52 14.51
N SER A 264 -11.69 -4.50 15.20
CA SER A 264 -12.74 -5.34 14.62
C SER A 264 -14.11 -4.87 15.09
N ASP A 265 -14.14 -4.21 16.25
CA ASP A 265 -15.35 -3.58 16.76
C ASP A 265 -15.13 -2.05 16.87
N ILE A 266 -15.68 -1.32 15.91
CA ILE A 266 -15.44 0.10 15.76
C ILE A 266 -15.93 0.91 16.96
N ARG A 267 -16.65 0.25 17.85
CA ARG A 267 -17.07 0.87 19.11
C ARG A 267 -16.11 0.54 20.26
N ARG A 268 -14.84 0.32 19.95
CA ARG A 268 -13.85 -0.05 20.95
C ARG A 268 -12.50 0.56 20.61
N SER A 269 -12.51 1.79 20.11
CA SER A 269 -11.31 2.44 19.56
C SER A 269 -10.05 2.24 20.37
N ASP A 270 -8.99 1.79 19.71
CA ASP A 270 -7.68 1.62 20.35
C ASP A 270 -6.62 2.34 19.52
N PHE A 271 -6.68 3.68 19.55
CA PHE A 271 -5.89 4.56 18.68
C PHE A 271 -4.45 4.74 19.09
N LYS A 272 -3.54 4.26 18.27
CA LYS A 272 -2.11 4.43 18.50
C LYS A 272 -1.60 5.63 17.72
N THR A 273 -0.78 6.47 18.37
CA THR A 273 -0.23 7.68 17.77
C THR A 273 1.31 7.68 17.77
N GLY A 274 1.93 8.08 16.65
CA GLY A 274 3.37 8.21 16.58
C GLY A 274 3.83 9.58 16.11
N THR A 275 5.08 9.94 16.39
CA THR A 275 5.56 11.29 16.08
C THR A 275 7.06 11.33 15.82
N GLY A 276 7.51 12.31 15.03
CA GLY A 276 8.93 12.42 14.75
C GLY A 276 9.37 13.59 13.92
N VAL A 277 10.67 13.64 13.67
CA VAL A 277 11.28 14.66 12.81
C VAL A 277 12.07 13.99 11.68
N GLY A 278 12.29 14.70 10.56
CA GLY A 278 13.02 14.09 9.46
C GLY A 278 13.72 15.05 8.52
N VAL A 279 14.42 14.51 7.52
CA VAL A 279 15.08 15.29 6.48
C VAL A 279 14.63 14.83 5.09
N ARG A 280 14.54 15.75 4.14
CA ARG A 280 14.29 15.40 2.74
C ARG A 280 15.35 16.09 1.89
N TRP A 281 16.05 15.34 1.06
CA TRP A 281 16.96 15.94 0.08
C TRP A 281 16.50 15.65 -1.34
N GLU A 282 16.30 16.68 -2.16
CA GLU A 282 15.93 16.45 -3.56
C GLU A 282 17.14 16.01 -4.37
N SER A 283 17.45 14.73 -4.28
CA SER A 283 18.59 14.17 -4.99
C SER A 283 18.29 14.23 -6.48
N PRO A 284 19.34 14.26 -7.31
CA PRO A 284 19.22 14.12 -8.78
C PRO A 284 18.34 12.94 -9.22
N VAL A 285 18.19 11.92 -8.39
CA VAL A 285 17.44 10.72 -8.76
C VAL A 285 16.02 10.69 -8.18
N GLY A 286 15.61 11.78 -7.52
CA GLY A 286 14.31 11.87 -6.85
C GLY A 286 14.47 12.22 -5.38
N PRO A 287 13.37 12.43 -4.63
CA PRO A 287 13.45 12.81 -3.21
C PRO A 287 13.84 11.67 -2.28
N ILE A 288 14.90 11.89 -1.51
CA ILE A 288 15.35 10.94 -0.50
C ILE A 288 14.90 11.44 0.88
N LYS A 289 14.35 10.53 1.67
CA LYS A 289 13.83 10.91 2.97
C LYS A 289 14.55 10.17 4.08
N LEU A 290 14.47 10.72 5.27
CA LEU A 290 15.01 10.11 6.47
C LEU A 290 14.09 10.51 7.61
N ASP A 291 13.54 9.53 8.32
CA ASP A 291 12.61 9.81 9.43
C ASP A 291 13.05 9.17 10.72
N PHE A 292 12.92 9.93 11.80
CA PHE A 292 13.00 9.36 13.13
C PHE A 292 11.61 9.47 13.73
N ALA A 293 11.10 8.38 14.30
CA ALA A 293 9.85 8.50 15.03
C ALA A 293 9.77 7.63 16.28
N VAL A 294 9.08 8.14 17.30
CA VAL A 294 8.79 7.39 18.52
C VAL A 294 7.29 7.21 18.72
N PRO A 295 6.90 6.18 19.49
CA PRO A 295 5.49 6.06 19.86
C PRO A 295 5.17 7.14 20.88
N VAL A 296 3.91 7.59 20.89
CA VAL A 296 3.47 8.65 21.79
C VAL A 296 2.46 8.14 22.81
N ALA A 297 2.67 8.51 24.07
CA ALA A 297 1.78 8.11 25.17
C ALA A 297 1.46 6.63 25.15
N ASP A 298 2.49 5.80 25.05
CA ASP A 298 2.29 4.35 25.05
C ASP A 298 3.11 3.71 26.16
N LYS A 299 2.49 2.75 26.84
CA LYS A 299 3.08 2.12 27.99
C LYS A 299 3.78 0.79 27.67
N ASP A 300 3.55 0.26 26.48
CA ASP A 300 4.15 -1.02 26.12
C ASP A 300 5.11 -0.84 24.96
N GLU A 301 4.96 0.31 24.29
CA GLU A 301 5.78 0.66 23.15
C GLU A 301 6.58 1.94 23.33
N HIS A 302 7.84 1.83 22.96
CA HIS A 302 8.83 2.85 23.15
C HIS A 302 9.88 2.54 22.09
N GLY A 303 10.95 3.31 22.07
CA GLY A 303 12.01 2.99 21.16
C GLY A 303 11.92 3.77 19.87
N LEU A 304 13.07 4.23 19.42
CA LEU A 304 13.16 4.95 18.17
C LEU A 304 12.99 3.98 16.99
N GLN A 305 12.13 4.38 16.05
CA GLN A 305 12.09 3.75 14.74
C GLN A 305 12.70 4.73 13.74
N PHE A 306 13.60 4.25 12.90
CA PHE A 306 14.19 5.13 11.91
C PHE A 306 14.06 4.56 10.48
N TYR A 307 13.82 5.45 9.51
CA TYR A 307 13.50 5.02 8.13
C TYR A 307 14.31 5.78 7.08
N ILE A 308 14.75 5.07 6.03
CA ILE A 308 15.39 5.74 4.91
C ILE A 308 15.03 5.12 3.56
N GLY A 309 14.74 5.96 2.58
CA GLY A 309 14.59 5.49 1.23
C GLY A 309 14.18 6.53 0.23
N LEU A 310 13.84 6.06 -0.95
CA LEU A 310 13.35 6.88 -2.05
C LEU A 310 11.83 6.87 -2.01
N GLY A 311 11.24 7.85 -1.34
CA GLY A 311 9.79 7.90 -1.18
C GLY A 311 9.06 8.50 -2.36
N PRO A 312 8.03 7.80 -2.85
CA PRO A 312 7.16 8.33 -3.91
C PRO A 312 6.26 9.43 -3.35
N GLU A 313 5.99 9.37 -2.04
CA GLU A 313 5.30 10.41 -1.28
C GLU A 313 3.80 10.56 -1.57
N LEU A 314 3.38 10.26 -2.80
CA LEU A 314 1.96 10.23 -3.16
C LEU A 314 1.44 8.81 -3.20
#